data_8HS8
#
_entry.id   8HS8
#
_cell.length_a   129.504
_cell.length_b   129.504
_cell.length_c   44.546
_cell.angle_alpha   90.000
_cell.angle_beta   90.000
_cell.angle_gamma   120.000
#
_symmetry.space_group_name_H-M   'P 31'
#
loop_
_entity.id
_entity.type
_entity.pdbx_description
1 polymer 'CRISPR-associated endonuclease Cas9'
2 polymer 'a protein'
3 water water
#
loop_
_entity_poly.entity_id
_entity_poly.type
_entity_poly.pdbx_seq_one_letter_code
_entity_poly.pdbx_strand_id
1 'polypeptide(L)'
;LSGDAVQKMLGHCTFEPAEPKAAKNTYTAERFIWLTKLNNLRILEQGSERPLTDTERATLMDEPYRKSKLTYAQARKLLG
LEDTAFFKGLRYGKDNAEASTLMEMKAYHAISRALEKEGLKDKKSPLNLSPELQDEIGTAFSLFKTDEDITGRLKDRIQP
EILEALLKHISFDKFVQISLKALRRIVPLMEQGKRYDEACAEIYGDHY
;
A,B
2 'polypeptide(L)'
;MKITSSNFATIATSENFAKLSVLPKNHREPIKGLFKSAVEQFSSARDFFKNENYSKELAEKFNKEAVNEAVEKLQKAIDL
AEKQGIQF
;
D,C
#
# COMPACT_ATOMS: atom_id res chain seq x y z
N ASP A 4 -12.22 -14.91 -5.01
CA ASP A 4 -10.94 -15.01 -5.70
C ASP A 4 -10.39 -13.61 -6.01
N ALA A 5 -11.27 -12.61 -6.00
CA ALA A 5 -10.89 -11.24 -6.31
C ALA A 5 -10.30 -10.55 -5.07
N VAL A 6 -9.80 -9.33 -5.28
CA VAL A 6 -9.07 -8.59 -4.25
C VAL A 6 -9.66 -7.19 -4.09
N GLN A 7 -9.46 -6.63 -2.90
CA GLN A 7 -9.91 -5.28 -2.57
C GLN A 7 -9.20 -4.84 -1.28
N LYS A 8 -8.82 -3.58 -1.23
CA LYS A 8 -8.06 -3.08 -0.08
C LYS A 8 -8.94 -2.74 1.11
N MET A 9 -10.26 -2.71 0.94
CA MET A 9 -11.18 -2.35 2.02
C MET A 9 -11.76 -3.60 2.65
N LEU A 10 -12.12 -3.49 3.93
CA LEU A 10 -12.60 -4.62 4.70
C LEU A 10 -14.10 -4.83 4.49
N GLY A 11 -14.51 -6.09 4.60
CA GLY A 11 -15.90 -6.47 4.46
C GLY A 11 -16.24 -7.72 5.24
N HIS A 12 -17.37 -8.35 4.93
CA HIS A 12 -17.74 -9.62 5.55
C HIS A 12 -17.99 -10.65 4.46
N CYS A 13 -17.81 -11.92 4.83
CA CYS A 13 -17.96 -13.01 3.87
C CYS A 13 -19.36 -13.01 3.28
N THR A 14 -19.42 -13.20 1.95
CA THR A 14 -20.72 -13.30 1.28
C THR A 14 -21.47 -14.54 1.74
N PHE A 15 -20.77 -15.65 1.93
CA PHE A 15 -21.42 -16.91 2.28
C PHE A 15 -21.76 -16.97 3.78
N GLU A 16 -20.74 -16.82 4.63
CA GLU A 16 -20.91 -16.85 6.08
C GLU A 16 -20.78 -15.43 6.62
N PRO A 17 -21.88 -14.69 6.74
CA PRO A 17 -21.78 -13.30 7.21
C PRO A 17 -21.23 -13.22 8.62
N ALA A 18 -21.02 -12.00 9.08
CA ALA A 18 -20.44 -11.68 10.37
C ALA A 18 -19.03 -12.22 10.54
N GLU A 19 -18.42 -12.73 9.48
CA GLU A 19 -17.04 -13.18 9.51
C GLU A 19 -16.16 -12.21 8.72
N PRO A 20 -14.91 -12.00 9.16
CA PRO A 20 -14.04 -11.05 8.44
C PRO A 20 -13.60 -11.65 7.11
N LYS A 21 -13.68 -10.85 6.05
CA LYS A 21 -13.11 -11.28 4.79
C LYS A 21 -11.62 -11.56 5.01
N ALA A 22 -11.18 -12.72 4.53
CA ALA A 22 -9.81 -13.13 4.77
C ALA A 22 -8.85 -12.23 4.01
N ALA A 23 -7.71 -11.94 4.63
CA ALA A 23 -6.67 -11.18 3.95
C ALA A 23 -6.13 -11.99 2.78
N LYS A 24 -5.68 -11.27 1.75
CA LYS A 24 -5.10 -11.95 0.60
C LYS A 24 -3.87 -12.76 1.02
N ASN A 25 -2.99 -12.15 1.80
CA ASN A 25 -1.70 -12.73 2.13
C ASN A 25 -1.78 -13.76 3.25
N THR A 26 -2.79 -14.62 3.24
CA THR A 26 -2.90 -15.72 4.18
C THR A 26 -2.78 -17.04 3.44
N TYR A 27 -2.12 -17.99 4.09
CA TYR A 27 -1.88 -19.30 3.49
C TYR A 27 -3.15 -19.89 2.89
N THR A 28 -4.26 -19.82 3.64
CA THR A 28 -5.53 -20.35 3.13
C THR A 28 -6.00 -19.57 1.90
N ALA A 29 -6.08 -18.25 2.02
CA ALA A 29 -6.47 -17.44 0.86
C ALA A 29 -5.50 -17.65 -0.29
N GLU A 30 -4.20 -17.60 0.00
CA GLU A 30 -3.22 -17.83 -1.06
C GLU A 30 -3.37 -19.22 -1.67
N ARG A 31 -3.75 -20.21 -0.86
CA ARG A 31 -4.02 -21.54 -1.41
C ARG A 31 -5.30 -21.53 -2.23
N PHE A 32 -6.36 -20.92 -1.71
CA PHE A 32 -7.61 -20.79 -2.46
C PHE A 32 -7.38 -20.17 -3.83
N ILE A 33 -6.56 -19.13 -3.90
CA ILE A 33 -6.26 -18.50 -5.17
C ILE A 33 -5.50 -19.48 -6.09
N TRP A 34 -4.51 -20.18 -5.53
CA TRP A 34 -3.78 -21.15 -6.34
C TRP A 34 -4.68 -22.34 -6.72
N LEU A 35 -5.45 -22.84 -5.75
CA LEU A 35 -6.37 -23.95 -6.04
C LEU A 35 -7.31 -23.59 -7.19
N THR A 36 -7.90 -22.39 -7.15
CA THR A 36 -8.81 -21.98 -8.22
C THR A 36 -8.13 -22.04 -9.58
N LYS A 37 -6.94 -21.42 -9.70
CA LYS A 37 -6.30 -21.29 -11.01
C LYS A 37 -5.93 -22.66 -11.58
N LEU A 38 -5.37 -23.54 -10.76
CA LEU A 38 -5.03 -24.87 -11.25
C LEU A 38 -6.29 -25.69 -11.54
N ASN A 39 -7.37 -25.44 -10.82
CA ASN A 39 -8.56 -26.27 -11.00
C ASN A 39 -9.31 -25.94 -12.28
N ASN A 40 -9.24 -24.70 -12.75
CA ASN A 40 -9.91 -24.32 -13.97
C ASN A 40 -8.96 -24.14 -15.15
N LEU A 41 -7.66 -24.36 -14.94
CA LEU A 41 -6.70 -24.24 -16.04
C LEU A 41 -6.95 -25.32 -17.09
N ARG A 42 -6.81 -24.95 -18.36
CA ARG A 42 -7.17 -25.83 -19.46
C ARG A 42 -6.05 -25.87 -20.50
N ILE A 43 -5.96 -27.00 -21.20
CA ILE A 43 -4.90 -27.25 -22.18
C ILE A 43 -5.51 -27.15 -23.58
N LEU A 44 -5.00 -26.22 -24.37
CA LEU A 44 -5.46 -26.01 -25.75
C LEU A 44 -4.56 -26.80 -26.69
N GLU A 45 -4.98 -28.03 -26.99
CA GLU A 45 -4.22 -28.94 -27.84
C GLU A 45 -4.94 -29.09 -29.16
N GLN A 46 -4.29 -28.66 -30.24
CA GLN A 46 -4.88 -28.66 -31.58
C GLN A 46 -6.21 -27.92 -31.55
N GLY A 47 -7.29 -28.62 -31.88
CA GLY A 47 -8.61 -28.06 -31.73
C GLY A 47 -9.35 -28.71 -30.57
N SER A 48 -8.60 -29.11 -29.54
CA SER A 48 -9.16 -29.82 -28.41
C SER A 48 -8.77 -29.12 -27.12
N GLU A 49 -9.76 -28.80 -26.30
CA GLU A 49 -9.52 -28.30 -24.95
C GLU A 49 -9.51 -29.47 -23.98
N ARG A 50 -8.58 -29.43 -23.02
CA ARG A 50 -8.40 -30.53 -22.08
C ARG A 50 -8.14 -30.02 -20.68
N PRO A 51 -8.69 -30.67 -19.65
CA PRO A 51 -8.30 -30.35 -18.27
C PRO A 51 -7.04 -31.09 -17.87
N LEU A 52 -6.28 -30.47 -16.97
CA LEU A 52 -5.12 -31.14 -16.41
C LEU A 52 -5.57 -32.37 -15.65
N THR A 53 -4.83 -33.47 -15.82
CA THR A 53 -5.21 -34.69 -15.10
C THR A 53 -4.67 -34.65 -13.67
N ASP A 54 -5.09 -35.64 -12.88
CA ASP A 54 -4.79 -35.68 -11.45
C ASP A 54 -3.30 -35.61 -11.19
N THR A 55 -2.53 -36.49 -11.84
CA THR A 55 -1.09 -36.49 -11.66
C THR A 55 -0.48 -35.18 -12.16
N GLU A 56 -0.99 -34.63 -13.25
CA GLU A 56 -0.51 -33.35 -13.75
C GLU A 56 -0.59 -32.28 -12.66
N ARG A 57 -1.78 -32.08 -12.09
CA ARG A 57 -1.95 -31.12 -11.01
C ARG A 57 -1.02 -31.41 -9.84
N ALA A 58 -0.79 -32.69 -9.56
CA ALA A 58 0.08 -33.04 -8.44
C ALA A 58 1.50 -32.55 -8.67
N THR A 59 1.98 -32.60 -9.92
CA THR A 59 3.32 -32.14 -10.21
C THR A 59 3.45 -30.61 -10.17
N LEU A 60 2.32 -29.89 -10.10
CA LEU A 60 2.31 -28.45 -9.92
C LEU A 60 1.72 -28.01 -8.60
N MET A 61 1.24 -28.95 -7.78
CA MET A 61 0.56 -28.60 -6.54
C MET A 61 1.51 -27.85 -5.60
N ASP A 62 2.59 -28.52 -5.16
CA ASP A 62 3.45 -27.95 -4.13
C ASP A 62 4.58 -27.10 -4.71
N GLU A 63 4.71 -27.01 -6.03
CA GLU A 63 5.78 -26.22 -6.61
C GLU A 63 5.69 -24.72 -6.30
N PRO A 64 4.53 -24.06 -6.33
CA PRO A 64 4.51 -22.63 -5.98
C PRO A 64 5.06 -22.35 -4.60
N TYR A 65 4.99 -23.32 -3.67
CA TYR A 65 5.63 -23.15 -2.37
C TYR A 65 7.15 -23.29 -2.48
N ARG A 66 7.62 -24.19 -3.34
CA ARG A 66 9.05 -24.52 -3.41
C ARG A 66 9.85 -23.42 -4.12
N LYS A 67 9.39 -22.97 -5.28
CA LYS A 67 10.06 -21.89 -6.00
C LYS A 67 9.30 -20.58 -5.82
N SER A 68 10.01 -19.47 -6.03
CA SER A 68 9.45 -18.14 -5.78
C SER A 68 8.16 -17.92 -6.56
N LYS A 69 8.20 -18.14 -7.87
CA LYS A 69 7.04 -18.02 -8.71
C LYS A 69 6.92 -19.27 -9.57
N LEU A 70 5.73 -19.45 -10.15
CA LEU A 70 5.49 -20.50 -11.13
C LEU A 70 5.06 -19.80 -12.42
N THR A 71 6.00 -19.64 -13.35
CA THR A 71 5.65 -19.19 -14.68
C THR A 71 5.08 -20.33 -15.50
N TYR A 72 4.18 -20.00 -16.43
CA TYR A 72 3.64 -21.01 -17.34
C TYR A 72 4.75 -21.78 -18.03
N ALA A 73 5.88 -21.12 -18.30
CA ALA A 73 7.02 -21.82 -18.89
C ALA A 73 7.54 -22.92 -17.98
N GLN A 74 7.65 -22.64 -16.67
CA GLN A 74 8.09 -23.65 -15.72
C GLN A 74 7.11 -24.82 -15.69
N ALA A 75 5.81 -24.52 -15.68
CA ALA A 75 4.80 -25.56 -15.67
C ALA A 75 4.88 -26.40 -16.94
N ARG A 76 5.18 -25.78 -18.08
CA ARG A 76 5.31 -26.52 -19.33
C ARG A 76 6.41 -27.57 -19.22
N LYS A 77 7.60 -27.15 -18.78
CA LYS A 77 8.68 -28.12 -18.58
C LYS A 77 8.31 -29.14 -17.53
N LEU A 78 7.70 -28.71 -16.43
CA LEU A 78 7.32 -29.63 -15.36
C LEU A 78 6.32 -30.68 -15.87
N LEU A 79 5.34 -30.25 -16.66
CA LEU A 79 4.33 -31.16 -17.17
C LEU A 79 4.84 -32.01 -18.31
N GLY A 80 5.94 -31.61 -18.95
CA GLY A 80 6.39 -32.29 -20.14
C GLY A 80 5.51 -32.03 -21.34
N LEU A 81 4.91 -30.84 -21.42
CA LEU A 81 3.98 -30.53 -22.49
C LEU A 81 4.73 -30.29 -23.79
N GLU A 82 4.29 -30.98 -24.85
CA GLU A 82 4.83 -30.72 -26.17
C GLU A 82 4.51 -29.29 -26.60
N ASP A 83 5.32 -28.77 -27.51
CA ASP A 83 5.03 -27.46 -28.08
C ASP A 83 3.67 -27.43 -28.76
N THR A 84 3.14 -28.59 -29.14
CA THR A 84 1.81 -28.67 -29.72
C THR A 84 0.75 -28.12 -28.76
N ALA A 85 0.79 -28.56 -27.51
CA ALA A 85 -0.14 -28.06 -26.52
C ALA A 85 0.18 -26.61 -26.15
N PHE A 86 -0.86 -25.87 -25.74
CA PHE A 86 -0.71 -24.50 -25.29
C PHE A 86 -1.58 -24.29 -24.05
N PHE A 87 -1.44 -23.13 -23.42
CA PHE A 87 -2.15 -22.81 -22.19
C PHE A 87 -3.34 -21.91 -22.51
N LYS A 88 -4.53 -22.33 -22.11
CA LYS A 88 -5.71 -21.48 -22.25
C LYS A 88 -5.58 -20.23 -21.40
N GLY A 89 -6.25 -19.17 -21.84
CA GLY A 89 -6.29 -17.92 -21.10
C GLY A 89 -5.07 -17.03 -21.30
N LEU A 90 -3.90 -17.62 -21.48
CA LEU A 90 -2.68 -16.85 -21.63
C LEU A 90 -2.68 -16.08 -22.94
N ARG A 91 -2.44 -14.77 -22.86
CA ARG A 91 -2.44 -13.92 -24.04
C ARG A 91 -1.25 -14.22 -24.94
N LYS A 94 1.33 -11.64 -26.31
CA LYS A 94 2.61 -11.06 -25.92
C LYS A 94 3.79 -11.88 -26.44
N ASP A 95 4.98 -11.28 -26.48
CA ASP A 95 6.16 -11.97 -26.99
C ASP A 95 6.55 -13.12 -26.06
N ASN A 96 6.69 -12.84 -24.78
CA ASN A 96 7.07 -13.82 -23.76
C ASN A 96 6.02 -13.80 -22.67
N ALA A 97 4.92 -14.50 -22.92
CA ALA A 97 3.81 -14.57 -21.96
C ALA A 97 3.87 -15.80 -21.07
N GLU A 98 4.49 -16.89 -21.53
CA GLU A 98 4.68 -18.05 -20.66
C GLU A 98 5.60 -17.71 -19.49
N ALA A 99 6.28 -16.57 -19.54
CA ALA A 99 6.99 -16.00 -18.42
C ALA A 99 6.07 -15.35 -17.40
N SER A 100 4.80 -15.15 -17.72
CA SER A 100 3.88 -14.60 -16.74
C SER A 100 3.72 -15.56 -15.58
N THR A 101 3.62 -15.02 -14.38
CA THR A 101 3.54 -15.83 -13.16
C THR A 101 2.14 -16.42 -13.05
N LEU A 102 2.04 -17.75 -13.12
CA LEU A 102 0.79 -18.42 -12.80
C LEU A 102 0.39 -18.17 -11.35
N MET A 103 1.22 -18.59 -10.41
CA MET A 103 1.02 -18.27 -9.00
C MET A 103 2.35 -17.90 -8.35
N GLU A 104 2.26 -17.09 -7.30
CA GLU A 104 3.45 -16.67 -6.56
C GLU A 104 3.48 -17.15 -5.13
N MET A 105 2.35 -17.17 -4.43
CA MET A 105 2.29 -17.39 -2.99
C MET A 105 3.22 -16.41 -2.27
N LYS A 106 2.91 -15.12 -2.43
CA LYS A 106 3.83 -14.07 -2.02
C LYS A 106 4.01 -14.03 -0.51
N ALA A 107 2.92 -14.26 0.24
CA ALA A 107 2.99 -14.26 1.70
C ALA A 107 3.95 -15.32 2.21
N TYR A 108 3.78 -16.57 1.74
CA TYR A 108 4.67 -17.65 2.15
C TYR A 108 6.14 -17.27 1.96
N HIS A 109 6.49 -16.81 0.76
CA HIS A 109 7.89 -16.49 0.48
C HIS A 109 8.33 -15.20 1.13
N ALA A 110 7.39 -14.34 1.54
CA ALA A 110 7.76 -13.13 2.27
C ALA A 110 8.10 -13.46 3.73
N ILE A 111 7.24 -14.24 4.39
CA ILE A 111 7.51 -14.65 5.76
C ILE A 111 8.81 -15.45 5.82
N SER A 112 9.01 -16.36 4.88
CA SER A 112 10.22 -17.18 4.85
C SER A 112 11.45 -16.31 4.65
N ARG A 113 11.40 -15.41 3.67
CA ARG A 113 12.53 -14.53 3.42
C ARG A 113 12.86 -13.68 4.64
N ALA A 114 11.84 -13.23 5.36
CA ALA A 114 12.06 -12.40 6.55
C ALA A 114 12.80 -13.17 7.63
N LEU A 115 12.34 -14.39 7.92
CA LEU A 115 12.96 -15.19 8.96
C LEU A 115 14.39 -15.56 8.57
N GLU A 116 14.58 -16.01 7.33
CA GLU A 116 15.93 -16.33 6.87
C GLU A 116 16.79 -15.07 6.71
N LYS A 117 16.17 -13.89 6.59
CA LYS A 117 16.95 -12.66 6.52
C LYS A 117 17.55 -12.33 7.88
N GLU A 118 16.75 -12.43 8.94
CA GLU A 118 17.23 -12.22 10.30
C GLU A 118 18.00 -13.42 10.84
N GLY A 119 18.36 -14.37 9.98
CA GLY A 119 19.15 -15.52 10.40
C GLY A 119 18.43 -16.52 11.26
N LEU A 120 17.12 -16.40 11.42
CA LEU A 120 16.34 -17.34 12.21
C LEU A 120 15.74 -18.46 11.37
N LYS A 121 16.11 -18.55 10.09
CA LYS A 121 15.65 -19.64 9.23
C LYS A 121 16.70 -19.88 8.16
N ASP A 122 16.67 -21.07 7.57
CA ASP A 122 17.61 -21.46 6.54
C ASP A 122 16.96 -21.36 5.16
N LYS A 123 17.80 -21.12 4.15
CA LYS A 123 17.31 -21.07 2.78
C LYS A 123 16.91 -22.46 2.28
N LYS A 124 16.07 -22.48 1.26
CA LYS A 124 15.61 -23.71 0.62
C LYS A 124 15.13 -24.73 1.64
N SER A 125 14.38 -24.26 2.63
CA SER A 125 14.05 -25.06 3.83
C SER A 125 12.57 -24.95 4.08
N PRO A 126 11.92 -25.85 4.83
CA PRO A 126 10.47 -25.72 4.93
C PRO A 126 10.09 -24.55 5.84
N LEU A 127 9.03 -23.87 5.46
CA LEU A 127 8.69 -22.76 6.32
C LEU A 127 7.95 -23.42 7.48
N ASN A 128 8.71 -23.67 8.55
CA ASN A 128 8.24 -24.40 9.73
C ASN A 128 7.31 -23.48 10.52
N LEU A 129 6.06 -23.43 10.07
CA LEU A 129 5.06 -22.57 10.69
C LEU A 129 3.71 -23.26 10.64
N SER A 130 2.96 -23.15 11.72
CA SER A 130 1.57 -23.58 11.70
C SER A 130 0.80 -22.78 10.65
N PRO A 131 -0.10 -23.41 9.88
CA PRO A 131 -0.83 -22.64 8.86
C PRO A 131 -1.69 -21.55 9.47
N GLU A 132 -2.43 -21.87 10.54
CA GLU A 132 -3.17 -20.86 11.26
C GLU A 132 -2.27 -19.73 11.75
N LEU A 133 -1.04 -20.09 12.15
CA LEU A 133 -0.04 -19.09 12.48
C LEU A 133 0.14 -18.14 11.31
N GLN A 134 0.69 -18.65 10.19
CA GLN A 134 0.85 -17.89 8.96
C GLN A 134 -0.32 -16.96 8.72
N ASP A 135 -1.51 -17.55 8.81
CA ASP A 135 -2.74 -16.84 8.55
C ASP A 135 -2.82 -15.60 9.43
N GLU A 136 -2.73 -15.77 10.74
CA GLU A 136 -2.87 -14.64 11.64
C GLU A 136 -1.74 -13.64 11.46
N ILE A 137 -0.52 -14.12 11.19
CA ILE A 137 0.57 -13.22 10.81
C ILE A 137 0.12 -12.30 9.68
N GLY A 138 -0.45 -12.88 8.62
CA GLY A 138 -1.00 -12.07 7.56
C GLY A 138 -2.18 -11.24 8.01
N THR A 139 -3.14 -11.88 8.68
CA THR A 139 -4.33 -11.17 9.14
C THR A 139 -3.97 -9.94 9.97
N ALA A 140 -2.92 -10.06 10.79
CA ALA A 140 -2.51 -8.95 11.63
C ALA A 140 -1.80 -7.87 10.83
N PHE A 141 -0.84 -8.27 9.99
CA PHE A 141 -0.11 -7.31 9.17
C PHE A 141 -0.99 -6.65 8.10
N SER A 142 -2.21 -7.15 7.89
CA SER A 142 -3.14 -6.51 6.98
C SER A 142 -4.14 -5.60 7.69
N LEU A 143 -4.45 -5.87 8.96
CA LEU A 143 -5.42 -5.06 9.70
C LEU A 143 -4.76 -4.02 10.58
N PHE A 144 -3.46 -4.14 10.85
CA PHE A 144 -2.72 -3.19 11.67
C PHE A 144 -1.42 -2.84 10.95
N LYS A 145 -0.93 -1.61 11.15
CA LYS A 145 0.34 -1.18 10.59
C LYS A 145 1.35 -0.73 11.63
N THR A 146 0.91 -0.21 12.76
CA THR A 146 1.84 0.20 13.80
C THR A 146 2.44 -1.03 14.46
N ASP A 147 3.72 -0.93 14.82
CA ASP A 147 4.37 -2.03 15.52
C ASP A 147 3.63 -2.37 16.81
N GLU A 148 3.06 -1.36 17.47
CA GLU A 148 2.32 -1.60 18.71
C GLU A 148 1.12 -2.50 18.48
N ASP A 149 0.20 -2.08 17.59
CA ASP A 149 -1.04 -2.83 17.39
C ASP A 149 -0.77 -4.20 16.79
N ILE A 150 0.20 -4.30 15.88
CA ILE A 150 0.54 -5.61 15.31
C ILE A 150 0.99 -6.55 16.41
N THR A 151 1.97 -6.13 17.22
CA THR A 151 2.51 -6.98 18.27
C THR A 151 1.43 -7.41 19.26
N GLY A 152 0.57 -6.47 19.65
CA GLY A 152 -0.46 -6.79 20.63
C GLY A 152 -1.41 -7.88 20.16
N ARG A 153 -1.80 -7.81 18.89
CA ARG A 153 -2.64 -8.86 18.31
C ARG A 153 -1.92 -10.19 18.27
N LEU A 154 -0.60 -10.16 18.04
CA LEU A 154 0.18 -11.40 17.99
C LEU A 154 0.03 -12.19 19.28
N LYS A 155 0.00 -11.52 20.42
CA LYS A 155 -0.27 -12.11 21.73
C LYS A 155 0.63 -13.34 21.99
N ASP A 156 1.91 -13.19 21.67
CA ASP A 156 2.93 -14.21 21.82
C ASP A 156 2.53 -15.54 21.17
N ARG A 157 1.66 -15.51 20.17
CA ARG A 157 1.37 -16.74 19.42
C ARG A 157 2.58 -17.20 18.63
N ILE A 158 3.60 -16.35 18.53
CA ILE A 158 4.80 -16.56 17.75
C ILE A 158 5.98 -16.06 18.58
N GLN A 159 7.15 -16.70 18.41
CA GLN A 159 8.30 -16.45 19.28
C GLN A 159 8.75 -14.99 19.16
N PRO A 160 9.28 -14.38 20.21
CA PRO A 160 9.68 -12.97 20.05
C PRO A 160 10.72 -12.75 18.96
N GLU A 161 11.62 -13.72 18.76
CA GLU A 161 12.67 -13.58 17.76
C GLU A 161 12.08 -13.51 16.35
N ILE A 162 11.12 -14.38 16.04
CA ILE A 162 10.56 -14.40 14.70
C ILE A 162 9.58 -13.25 14.46
N LEU A 163 9.03 -12.64 15.52
CA LEU A 163 8.19 -11.46 15.34
C LEU A 163 8.98 -10.19 14.99
N GLU A 164 10.12 -9.96 15.66
CA GLU A 164 11.03 -8.90 15.24
C GLU A 164 11.35 -8.98 13.75
N ALA A 165 11.56 -10.20 13.25
CA ALA A 165 11.86 -10.39 11.84
C ALA A 165 10.70 -9.92 10.96
N LEU A 166 9.48 -10.38 11.26
CA LEU A 166 8.33 -10.00 10.45
C LEU A 166 8.08 -8.50 10.50
N LEU A 167 8.15 -7.91 11.71
CA LEU A 167 7.96 -6.47 11.86
C LEU A 167 9.10 -5.66 11.25
N LYS A 168 10.06 -6.30 10.60
CA LYS A 168 11.19 -5.59 10.01
C LYS A 168 11.23 -5.62 8.49
N HIS A 169 10.49 -6.54 7.86
CA HIS A 169 10.62 -6.69 6.41
C HIS A 169 9.33 -7.01 5.66
N ILE A 170 8.22 -7.28 6.33
CA ILE A 170 7.02 -7.72 5.62
C ILE A 170 5.94 -6.65 5.72
N SER A 171 5.12 -6.57 4.67
CA SER A 171 4.03 -5.62 4.58
C SER A 171 2.94 -6.21 3.69
N PHE A 172 1.69 -6.18 4.17
CA PHE A 172 0.59 -6.89 3.52
C PHE A 172 -0.59 -5.96 3.29
N ASP A 173 -1.41 -6.29 2.29
CA ASP A 173 -2.67 -5.58 2.03
C ASP A 173 -3.61 -6.51 1.29
N LYS A 174 -4.85 -6.03 1.09
CA LYS A 174 -5.86 -6.63 0.23
C LYS A 174 -6.51 -7.87 0.85
N PHE A 175 -7.79 -8.09 0.52
CA PHE A 175 -8.62 -9.16 1.05
C PHE A 175 -9.21 -9.96 -0.11
N VAL A 176 -10.05 -10.95 0.19
CA VAL A 176 -10.32 -12.01 -0.78
C VAL A 176 -11.80 -12.37 -0.91
N GLN A 177 -12.68 -11.61 -0.26
CA GLN A 177 -14.13 -11.73 -0.43
C GLN A 177 -14.75 -12.97 0.20
N ILE A 178 -13.94 -13.89 0.70
CA ILE A 178 -14.44 -15.06 1.40
C ILE A 178 -13.73 -15.15 2.73
N SER A 179 -14.49 -15.44 3.80
CA SER A 179 -13.91 -15.53 5.12
C SER A 179 -12.88 -16.65 5.20
N LEU A 180 -11.97 -16.52 6.16
CA LEU A 180 -11.03 -17.60 6.43
C LEU A 180 -11.77 -18.84 6.92
N LYS A 181 -12.86 -18.66 7.66
CA LYS A 181 -13.64 -19.80 8.13
C LYS A 181 -14.36 -20.50 6.97
N ALA A 182 -15.02 -19.72 6.11
CA ALA A 182 -15.67 -20.32 4.95
C ALA A 182 -14.66 -21.02 4.06
N LEU A 183 -13.50 -20.42 3.87
CA LEU A 183 -12.43 -21.08 3.13
C LEU A 183 -12.07 -22.42 3.78
N ARG A 184 -11.95 -22.44 5.11
CA ARG A 184 -11.53 -23.64 5.84
C ARG A 184 -12.40 -24.85 5.49
N ARG A 185 -13.68 -24.63 5.23
CA ARG A 185 -14.56 -25.70 4.74
C ARG A 185 -14.50 -25.87 3.22
N ILE A 186 -14.01 -24.86 2.50
CA ILE A 186 -13.93 -24.95 1.04
C ILE A 186 -12.59 -25.52 0.57
N VAL A 187 -11.50 -25.26 1.30
CA VAL A 187 -10.18 -25.51 0.69
C VAL A 187 -9.81 -27.00 0.71
N PRO A 188 -10.20 -27.82 1.71
CA PRO A 188 -10.06 -29.27 1.50
C PRO A 188 -10.80 -29.80 0.29
N LEU A 189 -12.04 -29.38 0.08
CA LEU A 189 -12.85 -29.92 -1.02
C LEU A 189 -12.17 -29.68 -2.37
N MET A 190 -11.54 -28.51 -2.53
CA MET A 190 -10.89 -28.19 -3.80
C MET A 190 -9.58 -28.94 -3.98
N GLU A 191 -8.92 -29.30 -2.87
CA GLU A 191 -7.75 -30.17 -2.98
C GLU A 191 -8.11 -31.55 -3.51
N GLN A 192 -9.39 -31.93 -3.39
CA GLN A 192 -9.91 -33.15 -3.98
C GLN A 192 -10.32 -32.97 -5.44
N GLY A 193 -9.84 -31.91 -6.09
CA GLY A 193 -10.15 -31.65 -7.47
C GLY A 193 -11.38 -30.81 -7.73
N LYS A 194 -12.26 -30.66 -6.74
CA LYS A 194 -13.49 -29.92 -6.93
C LYS A 194 -13.20 -28.45 -7.18
N ARG A 195 -14.05 -27.84 -8.02
CA ARG A 195 -13.91 -26.43 -8.33
C ARG A 195 -14.70 -25.58 -7.33
N TYR A 196 -14.31 -24.31 -7.21
CA TYR A 196 -15.05 -23.37 -6.37
C TYR A 196 -16.53 -23.39 -6.72
N ASP A 197 -16.84 -23.33 -8.02
CA ASP A 197 -18.23 -23.32 -8.49
C ASP A 197 -19.04 -24.42 -7.81
N GLU A 198 -18.56 -25.67 -7.85
CA GLU A 198 -19.30 -26.75 -7.24
C GLU A 198 -19.11 -26.79 -5.72
N ALA A 199 -17.90 -26.49 -5.23
CA ALA A 199 -17.60 -26.66 -3.81
C ALA A 199 -18.39 -25.68 -2.95
N CYS A 200 -18.57 -24.45 -3.43
CA CYS A 200 -19.28 -23.44 -2.63
C CYS A 200 -20.73 -23.86 -2.40
N ALA A 201 -21.41 -24.28 -3.46
CA ALA A 201 -22.78 -24.75 -3.31
C ALA A 201 -22.85 -26.00 -2.46
N GLU A 202 -21.85 -26.87 -2.57
CA GLU A 202 -21.86 -28.13 -1.82
C GLU A 202 -21.87 -27.88 -0.31
N ILE A 203 -21.03 -26.95 0.15
CA ILE A 203 -20.94 -26.68 1.59
C ILE A 203 -22.09 -25.78 2.03
N TYR A 204 -22.25 -24.62 1.38
CA TYR A 204 -23.21 -23.61 1.82
C TYR A 204 -24.52 -23.66 1.03
N GLY A 205 -24.44 -23.53 -0.29
CA GLY A 205 -25.63 -23.42 -1.13
C GLY A 205 -26.68 -24.50 -0.95
N LEU B 1 -5.38 47.76 -4.77
CA LEU B 1 -6.80 47.87 -4.44
C LEU B 1 -7.50 46.51 -4.57
N SER B 2 -6.72 45.47 -4.90
CA SER B 2 -7.28 44.14 -5.10
C SER B 2 -7.48 43.37 -3.80
N GLY B 3 -7.01 43.90 -2.67
CA GLY B 3 -7.12 43.20 -1.40
C GLY B 3 -6.04 42.16 -1.22
N ASP B 4 -6.04 41.15 -2.09
CA ASP B 4 -4.99 40.14 -2.13
C ASP B 4 -3.71 40.64 -2.80
N ALA B 5 -3.67 41.91 -3.19
CA ALA B 5 -2.53 42.47 -3.90
C ALA B 5 -1.30 42.51 -3.01
N VAL B 6 -0.13 42.59 -3.65
CA VAL B 6 1.15 42.61 -2.96
C VAL B 6 2.01 43.76 -3.49
N GLN B 7 2.90 44.26 -2.62
CA GLN B 7 3.83 45.32 -2.97
C GLN B 7 5.07 45.18 -2.11
N LYS B 8 6.19 45.71 -2.60
CA LYS B 8 7.46 45.57 -1.89
C LYS B 8 7.74 46.74 -0.94
N MET B 9 7.00 47.83 -1.04
CA MET B 9 7.15 48.97 -0.15
C MET B 9 6.18 48.89 1.01
N LEU B 10 6.52 49.59 2.09
CA LEU B 10 5.72 49.64 3.31
C LEU B 10 4.66 50.73 3.21
N GLY B 11 3.61 50.57 4.00
CA GLY B 11 2.52 51.53 4.05
C GLY B 11 1.62 51.27 5.23
N HIS B 12 0.36 51.65 5.07
CA HIS B 12 -0.61 51.61 6.16
C HIS B 12 -1.87 50.89 5.72
N CYS B 13 -2.47 50.16 6.66
CA CYS B 13 -3.71 49.44 6.39
C CYS B 13 -4.79 50.38 5.89
N THR B 14 -5.52 49.94 4.85
CA THR B 14 -6.61 50.73 4.32
C THR B 14 -7.76 50.86 5.31
N PHE B 15 -7.91 49.91 6.23
CA PHE B 15 -9.00 49.91 7.20
C PHE B 15 -8.60 50.53 8.53
N GLU B 16 -7.48 50.09 9.13
CA GLU B 16 -6.97 50.66 10.37
C GLU B 16 -5.69 51.41 10.07
N PRO B 17 -5.76 52.73 9.81
CA PRO B 17 -4.59 53.44 9.28
C PRO B 17 -3.35 53.34 10.14
N ALA B 18 -3.48 53.45 11.47
CA ALA B 18 -2.32 53.44 12.33
C ALA B 18 -1.55 52.13 12.24
N GLU B 19 -2.16 51.08 11.70
CA GLU B 19 -1.45 49.82 11.77
C GLU B 19 -0.70 49.54 10.46
N PRO B 20 0.49 48.96 10.55
CA PRO B 20 1.26 48.67 9.33
C PRO B 20 0.72 47.46 8.60
N LYS B 21 0.84 47.51 7.27
CA LYS B 21 0.35 46.41 6.44
C LYS B 21 1.10 45.13 6.79
N ALA B 22 0.36 44.01 6.82
CA ALA B 22 0.99 42.73 7.07
C ALA B 22 1.90 42.36 5.90
N ALA B 23 2.85 41.50 6.17
CA ALA B 23 3.74 41.05 5.11
C ALA B 23 3.10 39.87 4.37
N LYS B 24 3.56 39.66 3.13
CA LYS B 24 3.00 38.59 2.32
C LYS B 24 3.32 37.22 2.90
N ASN B 25 4.45 37.11 3.59
CA ASN B 25 4.92 35.81 4.10
C ASN B 25 4.63 35.66 5.58
N THR B 26 3.42 36.03 5.99
CA THR B 26 2.91 35.77 7.32
C THR B 26 1.75 34.78 7.22
N TYR B 27 1.75 33.81 8.15
CA TYR B 27 0.71 32.78 8.17
C TYR B 27 -0.67 33.40 8.02
N THR B 28 -0.94 34.46 8.77
CA THR B 28 -2.25 35.11 8.72
C THR B 28 -2.57 35.61 7.31
N ALA B 29 -1.63 36.32 6.69
CA ALA B 29 -1.86 36.82 5.34
C ALA B 29 -1.82 35.69 4.32
N GLU B 30 -0.81 34.82 4.41
CA GLU B 30 -0.71 33.71 3.48
C GLU B 30 -1.94 32.80 3.58
N ARG B 31 -2.55 32.71 4.75
CA ARG B 31 -3.86 32.10 4.85
C ARG B 31 -4.88 32.91 4.05
N PHE B 32 -5.07 34.18 4.45
CA PHE B 32 -5.97 35.12 3.77
C PHE B 32 -5.94 34.99 2.24
N ILE B 33 -4.74 34.98 1.66
CA ILE B 33 -4.61 34.83 0.21
C ILE B 33 -5.21 33.50 -0.24
N TRP B 34 -4.92 32.43 0.50
CA TRP B 34 -5.44 31.11 0.16
C TRP B 34 -6.95 31.05 0.27
N LEU B 35 -7.52 31.62 1.34
CA LEU B 35 -8.97 31.74 1.42
C LEU B 35 -9.53 32.47 0.21
N THR B 36 -9.10 33.72 0.01
CA THR B 36 -9.65 34.55 -1.07
C THR B 36 -9.80 33.78 -2.37
N LYS B 37 -8.87 32.86 -2.64
CA LYS B 37 -9.00 32.04 -3.84
C LYS B 37 -10.04 30.93 -3.66
N LEU B 38 -10.05 30.28 -2.50
CA LEU B 38 -10.99 29.18 -2.29
C LEU B 38 -12.44 29.65 -2.32
N ASN B 39 -12.78 30.66 -1.51
CA ASN B 39 -14.16 31.14 -1.50
C ASN B 39 -14.57 31.74 -2.83
N ASN B 40 -13.62 32.13 -3.68
CA ASN B 40 -13.94 32.71 -4.98
C ASN B 40 -13.95 31.70 -6.10
N LEU B 41 -13.23 30.59 -5.96
CA LEU B 41 -13.15 29.59 -7.01
C LEU B 41 -14.54 29.04 -7.33
N ARG B 42 -14.82 28.90 -8.61
CA ARG B 42 -16.02 28.23 -9.10
C ARG B 42 -15.62 27.38 -10.30
N ILE B 43 -16.35 26.30 -10.54
CA ILE B 43 -16.02 25.40 -11.64
C ILE B 43 -17.09 25.54 -12.72
N LEU B 44 -16.77 25.03 -13.91
CA LEU B 44 -17.57 25.25 -15.10
C LEU B 44 -17.90 23.91 -15.74
N GLU B 45 -19.19 23.63 -15.89
CA GLU B 45 -19.63 22.35 -16.45
C GLU B 45 -20.92 22.56 -17.24
N GLN B 46 -20.87 22.23 -18.53
CA GLN B 46 -22.05 22.23 -19.41
C GLN B 46 -22.78 23.58 -19.37
N GLY B 47 -22.03 24.65 -19.63
CA GLY B 47 -22.60 25.99 -19.58
C GLY B 47 -23.19 26.37 -18.25
N SER B 48 -22.62 25.87 -17.16
CA SER B 48 -23.11 26.17 -15.82
C SER B 48 -21.93 26.48 -14.91
N GLU B 49 -22.09 27.52 -14.11
CA GLU B 49 -21.10 27.93 -13.12
C GLU B 49 -21.67 27.71 -11.73
N ARG B 50 -20.96 26.96 -10.89
CA ARG B 50 -21.37 26.77 -9.52
C ARG B 50 -20.14 26.87 -8.63
N PRO B 51 -20.31 27.25 -7.37
CA PRO B 51 -19.18 27.30 -6.44
C PRO B 51 -18.97 25.95 -5.76
N LEU B 52 -17.84 25.83 -5.07
CA LEU B 52 -17.52 24.62 -4.34
C LEU B 52 -18.49 24.44 -3.16
N THR B 53 -18.71 23.19 -2.79
CA THR B 53 -19.53 22.88 -1.63
C THR B 53 -18.72 23.01 -0.34
N ASP B 54 -19.45 23.11 0.78
CA ASP B 54 -18.79 23.18 2.08
C ASP B 54 -17.84 22.01 2.28
N THR B 55 -18.26 20.81 1.88
CA THR B 55 -17.38 19.65 1.93
C THR B 55 -16.21 19.82 0.96
N GLU B 56 -16.50 20.27 -0.26
CA GLU B 56 -15.45 20.42 -1.27
C GLU B 56 -14.36 21.37 -0.80
N ARG B 57 -14.75 22.48 -0.18
CA ARG B 57 -13.76 23.46 0.28
C ARG B 57 -12.91 22.90 1.42
N ALA B 58 -13.51 22.09 2.30
CA ALA B 58 -12.76 21.55 3.42
C ALA B 58 -11.70 20.56 2.94
N THR B 59 -12.04 19.72 1.95
CA THR B 59 -11.08 18.75 1.43
C THR B 59 -9.84 19.40 0.86
N LEU B 60 -9.92 20.68 0.50
CA LEU B 60 -8.79 21.41 -0.06
C LEU B 60 -8.21 22.42 0.92
N MET B 61 -8.76 22.51 2.13
CA MET B 61 -8.37 23.58 3.06
C MET B 61 -6.94 23.40 3.54
N ASP B 62 -6.64 22.27 4.17
CA ASP B 62 -5.36 22.08 4.83
C ASP B 62 -4.28 21.53 3.91
N GLU B 63 -4.61 21.19 2.67
CA GLU B 63 -3.65 20.61 1.74
C GLU B 63 -2.53 21.58 1.36
N PRO B 64 -2.81 22.88 1.17
CA PRO B 64 -1.70 23.82 0.96
C PRO B 64 -0.67 23.79 2.07
N TYR B 65 -1.07 23.43 3.30
CA TYR B 65 -0.10 23.25 4.38
C TYR B 65 0.57 21.89 4.33
N ARG B 66 -0.17 20.84 3.96
CA ARG B 66 0.36 19.49 3.94
C ARG B 66 1.34 19.26 2.79
N LYS B 67 1.00 19.72 1.59
CA LYS B 67 1.89 19.65 0.44
C LYS B 67 2.48 21.02 0.13
N SER B 68 3.62 21.02 -0.55
CA SER B 68 4.32 22.27 -0.83
C SER B 68 3.49 23.18 -1.73
N LYS B 69 2.98 22.62 -2.82
CA LYS B 69 2.14 23.35 -3.75
C LYS B 69 0.86 22.54 -4.01
N LEU B 70 -0.25 23.25 -4.13
CA LEU B 70 -1.52 22.66 -4.54
C LEU B 70 -1.78 23.14 -5.97
N THR B 71 -1.62 22.25 -6.93
CA THR B 71 -1.95 22.54 -8.31
C THR B 71 -3.42 22.23 -8.56
N TYR B 72 -4.01 22.97 -9.52
CA TYR B 72 -5.38 22.69 -9.94
C TYR B 72 -5.56 21.23 -10.32
N ALA B 73 -4.50 20.59 -10.83
CA ALA B 73 -4.56 19.16 -11.13
C ALA B 73 -4.76 18.35 -9.86
N GLN B 74 -4.02 18.67 -8.80
CA GLN B 74 -4.19 17.99 -7.52
C GLN B 74 -5.60 18.20 -6.98
N ALA B 75 -6.10 19.43 -7.05
CA ALA B 75 -7.45 19.73 -6.58
C ALA B 75 -8.49 18.94 -7.36
N ARG B 76 -8.30 18.81 -8.67
CA ARG B 76 -9.20 18.00 -9.47
C ARG B 76 -9.27 16.57 -8.94
N LYS B 77 -8.11 15.94 -8.76
CA LYS B 77 -8.08 14.59 -8.20
C LYS B 77 -8.67 14.56 -6.80
N LEU B 78 -8.28 15.51 -5.95
CA LEU B 78 -8.78 15.55 -4.59
C LEU B 78 -10.29 15.73 -4.55
N LEU B 79 -10.80 16.71 -5.31
CA LEU B 79 -12.24 16.95 -5.32
C LEU B 79 -13.01 15.83 -6.00
N GLY B 80 -12.32 14.96 -6.74
CA GLY B 80 -13.01 13.94 -7.51
C GLY B 80 -13.75 14.49 -8.71
N LEU B 81 -13.26 15.58 -9.29
CA LEU B 81 -13.95 16.24 -10.38
C LEU B 81 -13.79 15.45 -11.67
N GLU B 82 -14.91 15.20 -12.34
CA GLU B 82 -14.86 14.54 -13.64
C GLU B 82 -14.27 15.47 -14.68
N ASP B 83 -13.82 14.88 -15.78
CA ASP B 83 -13.36 15.68 -16.90
C ASP B 83 -14.47 16.55 -17.48
N THR B 84 -15.73 16.23 -17.15
CA THR B 84 -16.86 17.05 -17.58
C THR B 84 -16.79 18.47 -17.03
N ALA B 85 -16.09 18.67 -15.91
CA ALA B 85 -15.98 19.97 -15.29
C ALA B 85 -14.57 20.53 -15.45
N PHE B 86 -14.47 21.86 -15.48
CA PHE B 86 -13.20 22.57 -15.57
C PHE B 86 -13.21 23.69 -14.53
N PHE B 87 -12.05 24.35 -14.37
CA PHE B 87 -11.89 25.40 -13.38
C PHE B 87 -12.06 26.78 -14.04
N LYS B 88 -12.93 27.60 -13.46
CA LYS B 88 -13.12 28.97 -13.91
C LYS B 88 -11.92 29.84 -13.54
N GLY B 89 -11.45 30.62 -14.52
CA GLY B 89 -10.34 31.53 -14.33
C GLY B 89 -9.02 30.99 -14.85
N LEU B 90 -8.88 29.67 -14.92
CA LEU B 90 -7.65 29.08 -15.44
C LEU B 90 -7.63 29.20 -16.95
N ARG B 91 -6.50 29.67 -17.49
CA ARG B 91 -6.33 29.84 -18.93
C ARG B 91 -5.96 28.49 -19.54
N TYR B 92 -6.98 27.65 -19.71
CA TYR B 92 -6.78 26.32 -20.28
C TYR B 92 -6.19 26.43 -21.68
N GLY B 93 -5.13 25.67 -21.94
CA GLY B 93 -4.47 25.69 -23.22
C GLY B 93 -3.84 27.03 -23.55
N ASN B 96 -0.62 21.99 -20.54
CA ASN B 96 -0.95 21.62 -19.16
C ASN B 96 -1.05 22.84 -18.26
N ALA B 97 -2.21 23.51 -18.29
CA ALA B 97 -2.45 24.62 -17.40
C ALA B 97 -2.92 24.18 -16.02
N GLU B 98 -3.36 22.92 -15.89
CA GLU B 98 -3.76 22.40 -14.58
C GLU B 98 -2.58 22.35 -13.61
N ALA B 99 -1.35 22.38 -14.11
CA ALA B 99 -0.18 22.40 -13.25
C ALA B 99 0.04 23.77 -12.61
N SER B 100 -0.69 24.79 -13.03
CA SER B 100 -0.57 26.11 -12.42
C SER B 100 -0.81 26.01 -10.91
N THR B 101 0.11 26.58 -10.14
CA THR B 101 -0.01 26.52 -8.69
C THR B 101 -1.23 27.33 -8.27
N LEU B 102 -2.26 26.64 -7.79
CA LEU B 102 -3.39 27.33 -7.17
C LEU B 102 -2.93 28.13 -5.96
N MET B 103 -2.36 27.44 -4.97
CA MET B 103 -1.75 28.13 -3.85
C MET B 103 -0.52 27.38 -3.37
N GLU B 104 0.46 28.14 -2.88
CA GLU B 104 1.65 27.60 -2.25
C GLU B 104 1.93 28.42 -1.01
N MET B 105 1.82 27.79 0.17
CA MET B 105 2.14 28.45 1.42
C MET B 105 3.65 28.50 1.54
N LYS B 106 4.24 29.51 0.88
CA LYS B 106 5.69 29.56 0.73
C LYS B 106 6.37 29.82 2.08
N ALA B 107 5.78 30.68 2.91
CA ALA B 107 6.36 30.97 4.21
C ALA B 107 6.37 29.73 5.11
N TYR B 108 5.23 29.03 5.18
CA TYR B 108 5.12 27.83 5.99
C TYR B 108 6.24 26.84 5.67
N HIS B 109 6.38 26.49 4.39
CA HIS B 109 7.38 25.50 4.01
C HIS B 109 8.80 26.05 4.10
N ALA B 110 8.95 27.38 4.02
CA ALA B 110 10.27 27.98 4.20
C ALA B 110 10.75 27.76 5.63
N ILE B 111 9.97 28.21 6.61
CA ILE B 111 10.30 27.96 8.01
C ILE B 111 10.50 26.47 8.23
N SER B 112 9.59 25.66 7.70
CA SER B 112 9.65 24.21 7.88
C SER B 112 10.97 23.65 7.36
N ARG B 113 11.22 23.81 6.05
CA ARG B 113 12.41 23.23 5.45
C ARG B 113 13.69 23.77 6.09
N ALA B 114 13.64 24.99 6.63
CA ALA B 114 14.78 25.53 7.37
C ALA B 114 15.06 24.70 8.62
N LEU B 115 14.04 24.51 9.46
CA LEU B 115 14.23 23.74 10.68
C LEU B 115 14.59 22.29 10.36
N GLU B 116 14.00 21.74 9.30
CA GLU B 116 14.27 20.35 8.93
C GLU B 116 15.72 20.18 8.49
N LYS B 117 16.23 21.10 7.66
CA LYS B 117 17.59 20.95 7.15
C LYS B 117 18.62 21.03 8.28
N GLU B 118 18.42 21.96 9.22
CA GLU B 118 19.29 22.06 10.39
C GLU B 118 19.02 20.97 11.42
N GLY B 119 18.15 20.01 11.09
CA GLY B 119 17.88 18.89 11.97
C GLY B 119 17.05 19.21 13.19
N LEU B 120 16.26 20.27 13.14
CA LEU B 120 15.46 20.72 14.28
C LEU B 120 13.98 20.40 14.10
N LYS B 121 13.62 19.68 13.05
CA LYS B 121 12.23 19.30 12.79
C LYS B 121 12.22 18.09 11.88
N ASP B 122 11.16 17.30 11.97
CA ASP B 122 11.00 16.16 11.09
C ASP B 122 10.52 16.62 9.71
N LYS B 123 10.87 15.83 8.69
CA LYS B 123 10.57 16.23 7.31
C LYS B 123 9.08 16.43 7.10
N LYS B 124 8.26 15.48 7.55
CA LYS B 124 6.83 15.51 7.28
C LYS B 124 5.99 15.99 8.45
N SER B 125 6.59 16.17 9.63
CA SER B 125 5.83 16.61 10.80
C SER B 125 5.36 18.05 10.60
N PRO B 126 4.07 18.33 10.75
CA PRO B 126 3.59 19.72 10.75
C PRO B 126 4.45 20.62 11.64
N LEU B 127 4.47 21.90 11.30
CA LEU B 127 5.35 22.86 11.98
C LEU B 127 4.84 23.14 13.38
N ASN B 128 5.65 22.82 14.38
CA ASN B 128 5.31 23.13 15.77
C ASN B 128 5.70 24.59 16.01
N LEU B 129 4.76 25.50 15.74
CA LEU B 129 5.01 26.92 15.92
C LEU B 129 3.67 27.62 16.09
N SER B 130 3.65 28.64 16.94
CA SER B 130 2.44 29.42 17.12
C SER B 130 2.15 30.24 15.88
N PRO B 131 0.93 30.15 15.32
CA PRO B 131 0.54 31.08 14.25
C PRO B 131 0.95 32.52 14.51
N GLU B 132 0.77 32.98 15.75
CA GLU B 132 1.21 34.33 16.09
C GLU B 132 2.73 34.46 15.95
N LEU B 133 3.47 33.41 16.30
CA LEU B 133 4.92 33.43 16.14
C LEU B 133 5.29 33.53 14.66
N GLN B 134 4.84 32.57 13.85
CA GLN B 134 5.14 32.57 12.42
C GLN B 134 4.92 33.93 11.78
N ASP B 135 3.88 34.65 12.24
CA ASP B 135 3.64 36.00 11.74
C ASP B 135 4.79 36.94 12.11
N GLU B 136 5.16 36.96 13.40
CA GLU B 136 6.23 37.85 13.84
C GLU B 136 7.54 37.50 13.16
N ILE B 137 7.83 36.20 12.99
CA ILE B 137 9.02 35.80 12.22
C ILE B 137 8.93 36.32 10.80
N GLY B 138 7.75 36.15 10.16
CA GLY B 138 7.58 36.68 8.82
C GLY B 138 7.81 38.17 8.75
N THR B 139 7.12 38.94 9.60
CA THR B 139 7.32 40.38 9.62
C THR B 139 8.75 40.76 9.97
N ALA B 140 9.52 39.85 10.57
CA ALA B 140 10.89 40.15 10.96
C ALA B 140 11.83 40.16 9.76
N PHE B 141 11.89 39.05 9.03
CA PHE B 141 12.72 38.99 7.81
C PHE B 141 12.22 39.91 6.71
N SER B 142 11.03 40.51 6.86
CA SER B 142 10.53 41.43 5.86
C SER B 142 10.92 42.87 6.14
N LEU B 143 10.92 43.29 7.39
CA LEU B 143 11.31 44.65 7.74
C LEU B 143 12.80 44.81 7.97
N PHE B 144 13.52 43.69 8.16
CA PHE B 144 14.96 43.72 8.43
C PHE B 144 15.63 42.61 7.63
N LYS B 145 16.87 42.86 7.19
CA LYS B 145 17.69 41.84 6.56
C LYS B 145 19.06 41.67 7.19
N THR B 146 19.51 42.62 8.01
CA THR B 146 20.72 42.42 8.77
C THR B 146 20.45 41.47 9.92
N ASP B 147 21.31 40.48 10.08
CA ASP B 147 21.18 39.50 11.15
C ASP B 147 21.06 40.19 12.50
N GLU B 148 21.81 41.28 12.68
CA GLU B 148 21.74 42.05 13.92
C GLU B 148 20.31 42.51 14.19
N ASP B 149 19.73 43.28 13.26
CA ASP B 149 18.39 43.83 13.48
C ASP B 149 17.32 42.75 13.49
N ILE B 150 17.49 41.69 12.69
CA ILE B 150 16.53 40.58 12.72
C ILE B 150 16.59 39.87 14.06
N THR B 151 17.80 39.51 14.50
CA THR B 151 17.96 38.84 15.79
C THR B 151 17.44 39.70 16.92
N GLY B 152 17.66 41.01 16.85
CA GLY B 152 17.17 41.89 17.89
C GLY B 152 15.66 41.92 17.97
N ARG B 153 14.99 41.96 16.81
CA ARG B 153 13.53 41.93 16.79
C ARG B 153 13.01 40.66 17.44
N LEU B 154 13.59 39.52 17.10
CA LEU B 154 13.23 38.24 17.70
C LEU B 154 14.27 37.81 18.73
N LYS B 155 14.52 38.64 19.75
CA LYS B 155 15.40 38.22 20.84
C LYS B 155 14.70 37.20 21.72
N ASP B 156 13.51 37.55 22.19
CA ASP B 156 12.62 36.65 22.91
C ASP B 156 11.64 36.02 21.91
N ARG B 157 10.71 35.23 22.44
CA ARG B 157 9.68 34.57 21.63
C ARG B 157 10.30 33.62 20.63
N ILE B 158 11.43 33.00 20.98
CA ILE B 158 12.20 32.38 19.92
C ILE B 158 13.30 31.52 20.53
N GLN B 159 13.55 30.34 19.95
CA GLN B 159 14.65 29.57 20.53
C GLN B 159 15.95 29.87 19.78
N PRO B 160 17.06 29.98 20.52
CA PRO B 160 18.35 30.31 19.86
C PRO B 160 18.68 29.43 18.67
N GLU B 161 18.50 28.11 18.80
CA GLU B 161 18.90 27.20 17.74
C GLU B 161 18.05 27.41 16.49
N ILE B 162 16.75 27.69 16.66
CA ILE B 162 15.88 27.79 15.49
C ILE B 162 15.99 29.16 14.83
N LEU B 163 16.57 30.16 15.51
CA LEU B 163 16.88 31.43 14.84
C LEU B 163 18.09 31.32 13.92
N GLU B 164 19.15 30.62 14.38
CA GLU B 164 20.26 30.28 13.51
C GLU B 164 19.77 29.64 12.21
N ALA B 165 18.83 28.70 12.32
CA ALA B 165 18.29 28.05 11.13
C ALA B 165 17.59 29.04 10.21
N LEU B 166 16.66 29.82 10.77
CA LEU B 166 15.95 30.82 9.96
C LEU B 166 16.91 31.86 9.41
N LEU B 167 17.85 32.30 10.22
CA LEU B 167 18.86 33.26 9.81
C LEU B 167 19.86 32.67 8.83
N LYS B 168 19.66 31.43 8.41
CA LYS B 168 20.55 30.78 7.45
C LYS B 168 19.87 30.42 6.14
N HIS B 169 18.53 30.44 6.06
CA HIS B 169 17.85 29.99 4.86
C HIS B 169 16.62 30.80 4.47
N ILE B 170 16.18 31.76 5.28
CA ILE B 170 14.90 32.43 5.05
C ILE B 170 15.14 33.78 4.40
N SER B 171 14.37 34.06 3.34
CA SER B 171 14.37 35.36 2.68
C SER B 171 12.94 35.72 2.33
N PHE B 172 12.45 36.84 2.86
CA PHE B 172 11.05 37.23 2.74
C PHE B 172 10.92 38.63 2.15
N ASP B 173 9.90 38.84 1.33
CA ASP B 173 9.58 40.15 0.81
C ASP B 173 8.07 40.27 0.61
N LYS B 174 7.62 41.50 0.35
CA LYS B 174 6.26 41.84 -0.07
C LYS B 174 5.26 41.88 1.08
N PHE B 175 4.23 42.72 0.93
CA PHE B 175 3.22 42.98 1.94
C PHE B 175 1.84 42.93 1.29
N VAL B 176 0.79 42.87 2.10
CA VAL B 176 -0.53 42.46 1.61
C VAL B 176 -1.65 43.47 1.87
N GLN B 177 -1.36 44.76 1.73
CA GLN B 177 -2.39 45.79 1.61
C GLN B 177 -3.32 45.95 2.82
N ILE B 178 -3.31 45.03 3.78
CA ILE B 178 -4.13 45.15 4.98
C ILE B 178 -3.33 44.65 6.17
N SER B 179 -3.62 45.22 7.34
CA SER B 179 -2.83 45.01 8.54
C SER B 179 -3.17 43.70 9.24
N LEU B 180 -2.17 43.13 9.91
CA LEU B 180 -2.33 41.86 10.60
C LEU B 180 -3.48 41.89 11.62
N LYS B 181 -3.66 43.04 12.30
CA LYS B 181 -4.77 43.16 13.23
C LYS B 181 -6.11 43.08 12.50
N ALA B 182 -6.24 43.81 11.40
CA ALA B 182 -7.47 43.78 10.62
C ALA B 182 -7.74 42.38 10.06
N LEU B 183 -6.70 41.72 9.54
CA LEU B 183 -6.85 40.34 9.11
C LEU B 183 -7.30 39.45 10.26
N ARG B 184 -6.80 39.70 11.47
CA ARG B 184 -7.11 38.85 12.61
C ARG B 184 -8.60 38.83 12.93
N ARG B 185 -9.34 39.82 12.45
CA ARG B 185 -10.80 39.82 12.53
C ARG B 185 -11.45 39.35 11.23
N ILE B 186 -10.87 39.71 10.07
CA ILE B 186 -11.45 39.33 8.79
C ILE B 186 -11.26 37.84 8.53
N VAL B 187 -10.06 37.31 8.83
CA VAL B 187 -9.75 35.93 8.48
C VAL B 187 -10.73 34.91 9.11
N PRO B 188 -10.98 34.97 10.43
CA PRO B 188 -11.89 33.94 10.99
C PRO B 188 -13.27 33.93 10.34
N LEU B 189 -13.86 35.10 10.09
CA LEU B 189 -15.15 35.15 9.41
C LEU B 189 -15.07 34.49 8.03
N MET B 190 -13.94 34.64 7.36
CA MET B 190 -13.76 34.02 6.05
C MET B 190 -13.55 32.52 6.17
N GLU B 191 -12.93 32.06 7.26
CA GLU B 191 -12.79 30.62 7.48
C GLU B 191 -14.15 29.96 7.61
N GLN B 192 -15.17 30.70 8.04
CA GLN B 192 -16.55 30.25 8.06
C GLN B 192 -17.22 30.32 6.70
N GLY B 193 -16.44 30.44 5.63
CA GLY B 193 -16.98 30.47 4.29
C GLY B 193 -17.18 31.85 3.70
N LYS B 194 -17.26 32.88 4.54
CA LYS B 194 -17.54 34.23 4.05
C LYS B 194 -16.43 34.71 3.12
N ARG B 195 -16.79 35.63 2.23
CA ARG B 195 -15.86 36.19 1.27
C ARG B 195 -15.26 37.48 1.81
N TYR B 196 -14.10 37.84 1.25
CA TYR B 196 -13.45 39.10 1.60
C TYR B 196 -14.42 40.27 1.50
N ASP B 197 -15.28 40.25 0.48
CA ASP B 197 -16.27 41.31 0.32
C ASP B 197 -17.23 41.36 1.50
N GLU B 198 -17.83 40.21 1.85
CA GLU B 198 -18.86 40.20 2.88
C GLU B 198 -18.27 40.48 4.26
N ALA B 199 -17.21 39.77 4.64
CA ALA B 199 -16.65 39.90 5.98
C ALA B 199 -16.05 41.28 6.22
N CYS B 200 -15.61 41.96 5.15
CA CYS B 200 -15.10 43.32 5.30
C CYS B 200 -16.15 44.24 5.92
N ALA B 201 -17.37 44.22 5.38
CA ALA B 201 -18.42 45.08 5.92
C ALA B 201 -18.77 44.69 7.35
N GLU B 202 -18.73 43.39 7.67
CA GLU B 202 -19.12 42.95 9.00
C GLU B 202 -18.19 43.50 10.08
N ILE B 203 -16.90 43.58 9.79
CA ILE B 203 -15.95 44.08 10.78
C ILE B 203 -15.86 45.60 10.73
N TYR B 204 -15.80 46.19 9.53
CA TYR B 204 -15.67 47.63 9.37
C TYR B 204 -16.73 48.13 8.39
N GLY B 205 -17.45 49.18 8.78
CA GLY B 205 -18.46 49.76 7.92
C GLY B 205 -17.87 50.49 6.72
N MET C 1 -17.27 10.27 16.41
CA MET C 1 -16.45 9.08 16.36
C MET C 1 -14.97 9.44 16.20
N LYS C 2 -14.08 8.73 16.90
CA LYS C 2 -12.65 8.94 16.79
C LYS C 2 -12.00 7.76 16.07
N ILE C 3 -11.11 8.06 15.12
CA ILE C 3 -10.44 7.05 14.32
C ILE C 3 -9.04 6.82 14.88
N THR C 4 -8.66 5.55 15.02
CA THR C 4 -7.32 5.16 15.46
C THR C 4 -6.78 4.11 14.50
N SER C 5 -5.50 3.81 14.66
CA SER C 5 -4.90 2.70 13.90
C SER C 5 -5.61 1.39 14.20
N SER C 6 -6.12 1.22 15.42
CA SER C 6 -6.91 0.04 15.75
C SER C 6 -8.35 0.17 15.28
N ASN C 7 -8.93 1.36 15.44
CA ASN C 7 -10.25 1.59 14.85
C ASN C 7 -10.21 1.46 13.33
N PHE C 8 -9.09 1.83 12.70
CA PHE C 8 -9.00 1.71 11.25
C PHE C 8 -9.22 0.25 10.84
N ALA C 9 -9.61 0.08 9.57
CA ALA C 9 -10.06 -1.19 8.98
C ALA C 9 -11.43 -1.57 9.52
N THR C 10 -11.61 -1.48 10.84
CA THR C 10 -12.92 -1.71 11.42
C THR C 10 -13.92 -0.62 11.05
N ILE C 11 -13.44 0.56 10.64
CA ILE C 11 -14.32 1.63 10.18
C ILE C 11 -14.21 1.86 8.67
N ALA C 12 -13.05 1.63 8.06
CA ALA C 12 -12.86 1.79 6.61
C ALA C 12 -13.29 0.51 5.88
N THR C 13 -14.58 0.22 5.99
CA THR C 13 -15.19 -0.93 5.36
C THR C 13 -16.02 -0.49 4.16
N SER C 14 -16.25 -1.43 3.23
CA SER C 14 -17.06 -1.12 2.06
C SER C 14 -18.51 -0.84 2.44
N GLU C 15 -18.92 -1.27 3.63
CA GLU C 15 -20.28 -1.04 4.09
C GLU C 15 -20.50 0.42 4.45
N ASN C 16 -19.59 1.00 5.25
CA ASN C 16 -19.64 2.43 5.51
C ASN C 16 -19.44 3.23 4.24
N PHE C 17 -18.54 2.76 3.37
CA PHE C 17 -18.33 3.39 2.08
C PHE C 17 -19.62 3.43 1.26
N ALA C 18 -20.43 2.37 1.35
CA ALA C 18 -21.70 2.35 0.63
C ALA C 18 -22.67 3.38 1.20
N LYS C 19 -22.65 3.60 2.52
CA LYS C 19 -23.52 4.58 3.14
C LYS C 19 -23.27 6.00 2.64
N LEU C 20 -22.20 6.22 1.88
CA LEU C 20 -21.90 7.53 1.32
C LEU C 20 -22.50 7.75 -0.05
N SER C 21 -22.98 6.70 -0.72
CA SER C 21 -23.69 6.88 -1.98
C SER C 21 -24.92 7.75 -1.81
N VAL C 22 -25.46 7.80 -0.59
CA VAL C 22 -26.65 8.60 -0.25
C VAL C 22 -26.46 10.08 -0.54
N LEU C 23 -25.23 10.56 -0.54
CA LEU C 23 -25.00 11.98 -0.62
C LEU C 23 -24.97 12.43 -2.08
N PRO C 24 -25.25 13.70 -2.35
CA PRO C 24 -25.11 14.21 -3.72
C PRO C 24 -23.67 14.08 -4.19
N LYS C 25 -23.50 14.02 -5.51
CA LYS C 25 -22.18 13.74 -6.09
C LYS C 25 -21.13 14.74 -5.60
N ASN C 26 -21.50 16.02 -5.54
CA ASN C 26 -20.57 17.07 -5.12
C ASN C 26 -20.26 17.03 -3.63
N HIS C 27 -21.06 16.30 -2.86
CA HIS C 27 -20.78 16.00 -1.46
C HIS C 27 -20.24 14.59 -1.27
N ARG C 28 -20.72 13.63 -2.06
CA ARG C 28 -20.27 12.24 -1.94
C ARG C 28 -18.83 12.09 -2.42
N GLU C 29 -18.62 12.21 -3.74
CA GLU C 29 -17.31 12.02 -4.37
C GLU C 29 -16.11 12.58 -3.59
N PRO C 30 -16.13 13.80 -3.05
CA PRO C 30 -14.94 14.25 -2.30
C PRO C 30 -14.70 13.44 -1.04
N ILE C 31 -15.74 13.18 -0.25
CA ILE C 31 -15.60 12.35 0.94
C ILE C 31 -15.14 10.94 0.56
N LYS C 32 -15.66 10.42 -0.56
CA LYS C 32 -15.19 9.13 -1.06
C LYS C 32 -13.71 9.17 -1.37
N GLY C 33 -13.24 10.28 -1.96
CA GLY C 33 -11.83 10.39 -2.28
C GLY C 33 -10.94 10.32 -1.06
N LEU C 34 -11.29 11.09 -0.02
CA LEU C 34 -10.53 11.03 1.23
C LEU C 34 -10.56 9.62 1.81
N PHE C 35 -11.75 9.01 1.80
CA PHE C 35 -11.90 7.62 2.25
C PHE C 35 -10.95 6.70 1.51
N LYS C 36 -10.93 6.79 0.18
CA LYS C 36 -10.06 5.93 -0.60
C LYS C 36 -8.60 6.23 -0.33
N SER C 37 -8.23 7.51 -0.26
CA SER C 37 -6.85 7.89 -0.04
C SER C 37 -6.32 7.36 1.28
N ALA C 38 -7.15 7.41 2.32
CA ALA C 38 -6.75 6.85 3.61
C ALA C 38 -6.54 5.34 3.52
N VAL C 39 -7.43 4.64 2.80
CA VAL C 39 -7.29 3.19 2.65
C VAL C 39 -5.98 2.85 1.95
N GLU C 40 -5.65 3.58 0.89
CA GLU C 40 -4.41 3.30 0.16
C GLU C 40 -3.19 3.62 1.01
N GLN C 41 -3.25 4.68 1.81
CA GLN C 41 -2.08 5.09 2.58
C GLN C 41 -1.80 4.11 3.71
N PHE C 42 -2.83 3.72 4.46
CA PHE C 42 -2.65 2.73 5.53
C PHE C 42 -2.15 1.42 4.96
N SER C 43 -2.78 0.94 3.89
CA SER C 43 -2.42 -0.37 3.33
C SER C 43 -0.93 -0.46 3.04
N SER C 44 -0.33 0.61 2.53
CA SER C 44 1.08 0.64 2.17
C SER C 44 1.97 1.22 3.28
N ALA C 45 1.49 1.26 4.52
CA ALA C 45 2.22 1.93 5.60
C ALA C 45 3.54 1.24 5.90
N ARG C 46 3.55 -0.09 5.95
CA ARG C 46 4.78 -0.82 6.25
C ARG C 46 5.56 -1.19 5.00
N ASP C 47 5.20 -0.62 3.84
CA ASP C 47 5.96 -0.89 2.61
C ASP C 47 7.42 -0.52 2.76
N PHE C 48 7.73 0.42 3.65
CA PHE C 48 9.10 0.85 3.85
C PHE C 48 9.95 -0.23 4.52
N PHE C 49 9.33 -1.07 5.36
CA PHE C 49 10.06 -2.21 5.92
C PHE C 49 10.56 -3.14 4.83
N LYS C 50 9.84 -3.23 3.70
CA LYS C 50 10.29 -4.06 2.59
C LYS C 50 11.48 -3.45 1.88
N ASN C 51 11.51 -2.12 1.77
CA ASN C 51 12.64 -1.45 1.14
C ASN C 51 13.87 -1.55 2.05
N GLU C 52 15.04 -1.73 1.43
CA GLU C 52 16.28 -1.86 2.16
C GLU C 52 17.17 -0.62 2.09
N ASN C 53 16.93 0.28 1.12
CA ASN C 53 17.68 1.53 1.06
C ASN C 53 17.48 2.35 2.33
N TYR C 54 16.28 2.31 2.91
CA TYR C 54 16.01 3.00 4.14
C TYR C 54 16.58 2.22 5.32
N SER C 55 16.77 2.92 6.44
CA SER C 55 17.14 2.26 7.70
C SER C 55 15.88 1.93 8.48
N LYS C 56 15.95 0.82 9.24
CA LYS C 56 14.77 0.33 9.96
C LYS C 56 14.19 1.40 10.87
N GLU C 57 15.05 2.21 11.48
CA GLU C 57 14.58 3.33 12.30
C GLU C 57 13.91 4.38 11.42
N LEU C 58 14.53 4.72 10.29
CA LEU C 58 13.97 5.69 9.36
C LEU C 58 12.69 5.16 8.70
N ALA C 59 12.57 3.83 8.55
CA ALA C 59 11.34 3.24 8.05
C ALA C 59 10.22 3.39 9.07
N GLU C 60 10.51 3.14 10.35
CA GLU C 60 9.51 3.31 11.40
C GLU C 60 9.02 4.74 11.50
N LYS C 61 9.81 5.71 11.02
CA LYS C 61 9.39 7.11 11.03
C LYS C 61 8.26 7.35 10.03
N PHE C 62 8.42 6.83 8.81
CA PHE C 62 7.36 6.95 7.82
C PHE C 62 6.11 6.21 8.26
N ASN C 63 6.27 5.02 8.84
CA ASN C 63 5.14 4.25 9.34
C ASN C 63 4.24 5.13 10.21
N LYS C 64 4.79 5.64 11.31
CA LYS C 64 4.04 6.57 12.16
C LYS C 64 3.49 7.73 11.36
N GLU C 65 4.27 8.25 10.41
CA GLU C 65 3.79 9.37 9.59
C GLU C 65 2.65 8.95 8.68
N ALA C 66 2.76 7.76 8.07
CA ALA C 66 1.72 7.30 7.16
C ALA C 66 0.42 7.00 7.92
N VAL C 67 0.51 6.21 9.00
CA VAL C 67 -0.68 5.83 9.74
C VAL C 67 -1.41 7.06 10.26
N ASN C 68 -0.67 8.05 10.76
CA ASN C 68 -1.32 9.24 11.28
C ASN C 68 -2.04 10.00 10.18
N GLU C 69 -1.36 10.23 9.06
CA GLU C 69 -1.99 10.91 7.94
C GLU C 69 -3.18 10.13 7.40
N ALA C 70 -3.12 8.81 7.45
CA ALA C 70 -4.25 7.99 7.00
C ALA C 70 -5.46 8.15 7.93
N VAL C 71 -5.26 7.97 9.24
CA VAL C 71 -6.39 8.13 10.16
C VAL C 71 -6.87 9.57 10.15
N GLU C 72 -5.98 10.52 9.81
CA GLU C 72 -6.39 11.90 9.63
C GLU C 72 -7.35 12.02 8.46
N LYS C 73 -7.04 11.36 7.35
CA LYS C 73 -7.91 11.40 6.18
C LYS C 73 -9.25 10.74 6.47
N LEU C 74 -9.24 9.55 7.09
CA LEU C 74 -10.49 8.88 7.37
C LEU C 74 -11.37 9.70 8.30
N GLN C 75 -10.75 10.31 9.33
CA GLN C 75 -11.52 11.12 10.27
C GLN C 75 -12.22 12.27 9.54
N LYS C 76 -11.50 12.95 8.65
CA LYS C 76 -12.11 14.04 7.89
C LYS C 76 -13.29 13.54 7.06
N ALA C 77 -13.11 12.41 6.40
CA ALA C 77 -14.19 11.81 5.62
C ALA C 77 -15.38 11.50 6.51
N ILE C 78 -15.13 10.83 7.64
CA ILE C 78 -16.21 10.51 8.57
C ILE C 78 -16.90 11.78 9.05
N ASP C 79 -16.13 12.76 9.49
CA ASP C 79 -16.71 13.97 10.05
C ASP C 79 -17.44 14.78 8.99
N LEU C 80 -16.82 14.95 7.82
CA LEU C 80 -17.47 15.66 6.72
C LEU C 80 -18.77 14.98 6.31
N ALA C 81 -18.80 13.65 6.35
CA ALA C 81 -20.00 12.92 5.97
C ALA C 81 -21.09 13.04 7.04
N GLU C 82 -20.70 12.95 8.31
CA GLU C 82 -21.67 13.08 9.39
C GLU C 82 -22.36 14.44 9.35
N LYS C 83 -21.60 15.50 9.08
CA LYS C 83 -22.20 16.82 8.94
C LYS C 83 -23.17 16.87 7.77
N GLN C 84 -22.86 16.14 6.70
CA GLN C 84 -23.80 16.02 5.59
C GLN C 84 -24.99 15.14 5.93
N GLY C 85 -24.95 14.41 7.03
CA GLY C 85 -26.10 13.67 7.50
C GLY C 85 -25.85 12.21 7.81
N ILE C 86 -25.07 11.53 6.96
CA ILE C 86 -24.95 10.08 7.05
C ILE C 86 -24.25 9.70 8.35
N GLN C 87 -24.89 8.83 9.12
CA GLN C 87 -24.36 8.34 10.38
C GLN C 87 -23.64 7.01 10.18
N PHE C 88 -22.81 6.65 11.15
CA PHE C 88 -22.01 5.42 11.06
C PHE C 88 -22.20 4.57 12.30
N MET D 1 6.14 -47.86 -0.71
CA MET D 1 7.59 -47.76 -0.78
C MET D 1 8.11 -46.40 -0.29
N LYS D 2 9.11 -46.42 0.59
CA LYS D 2 9.74 -45.19 1.06
C LYS D 2 11.07 -44.99 0.35
N ILE D 3 11.37 -43.73 0.01
CA ILE D 3 12.60 -43.36 -0.69
C ILE D 3 13.52 -42.66 0.29
N THR D 4 14.78 -43.10 0.33
CA THR D 4 15.82 -42.43 1.11
C THR D 4 17.01 -42.13 0.21
N SER D 5 18.14 -41.74 0.79
CA SER D 5 19.34 -41.56 0.00
C SER D 5 20.10 -42.86 -0.26
N SER D 6 19.75 -43.93 0.45
CA SER D 6 20.44 -45.21 0.30
C SER D 6 19.78 -46.12 -0.73
N ASN D 7 18.52 -45.87 -1.08
CA ASN D 7 17.78 -46.66 -2.04
C ASN D 7 17.53 -45.93 -3.34
N PHE D 8 17.93 -44.66 -3.46
CA PHE D 8 17.55 -43.85 -4.63
C PHE D 8 18.00 -44.51 -5.92
N ALA D 9 19.31 -44.77 -6.04
CA ALA D 9 19.83 -45.45 -7.22
C ALA D 9 19.20 -46.83 -7.40
N THR D 10 18.90 -47.51 -6.28
CA THR D 10 18.26 -48.81 -6.35
C THR D 10 16.84 -48.72 -6.90
N ILE D 11 16.22 -47.54 -6.85
CA ILE D 11 14.89 -47.34 -7.41
C ILE D 11 14.93 -46.56 -8.71
N ALA D 12 15.91 -45.67 -8.91
CA ALA D 12 16.13 -44.95 -10.15
C ALA D 12 16.61 -45.83 -11.26
N THR D 13 16.46 -47.15 -11.16
CA THR D 13 16.83 -48.02 -12.25
C THR D 13 16.07 -47.66 -13.51
N SER D 14 16.75 -47.76 -14.66
CA SER D 14 16.11 -47.48 -15.93
C SER D 14 14.95 -48.42 -16.20
N GLU D 15 15.01 -49.63 -15.64
CA GLU D 15 13.88 -50.55 -15.74
C GLU D 15 12.62 -49.92 -15.15
N ASN D 16 12.73 -49.37 -13.94
CA ASN D 16 11.59 -48.73 -13.30
C ASN D 16 11.11 -47.54 -14.12
N PHE D 17 12.04 -46.74 -14.64
CA PHE D 17 11.66 -45.67 -15.56
C PHE D 17 10.94 -46.22 -16.78
N ALA D 18 11.41 -47.36 -17.29
CA ALA D 18 10.78 -47.97 -18.44
C ALA D 18 9.36 -48.44 -18.12
N LYS D 19 9.13 -48.89 -16.89
CA LYS D 19 7.79 -49.36 -16.52
C LYS D 19 6.74 -48.27 -16.68
N LEU D 20 7.15 -47.00 -16.60
CA LEU D 20 6.22 -45.90 -16.77
C LEU D 20 5.66 -45.83 -18.18
N SER D 21 6.30 -46.47 -19.16
CA SER D 21 5.85 -46.39 -20.54
C SER D 21 4.44 -46.96 -20.73
N VAL D 22 3.98 -47.80 -19.81
CA VAL D 22 2.66 -48.42 -19.90
C VAL D 22 1.58 -47.39 -19.56
N LEU D 23 1.99 -46.06 -19.39
CA LEU D 23 1.07 -45.02 -18.97
C LEU D 23 0.70 -44.10 -20.14
N PRO D 24 -0.52 -43.56 -20.11
CA PRO D 24 -0.91 -42.54 -21.08
C PRO D 24 0.02 -41.33 -21.01
N LYS D 25 0.01 -40.56 -22.10
CA LYS D 25 0.95 -39.45 -22.26
C LYS D 25 0.77 -38.40 -21.15
N ASN D 26 -0.44 -37.84 -21.04
CA ASN D 26 -0.69 -36.81 -20.03
C ASN D 26 -0.49 -37.32 -18.60
N HIS D 27 -0.37 -38.63 -18.40
CA HIS D 27 -0.02 -39.22 -17.12
C HIS D 27 1.45 -39.59 -17.02
N ARG D 28 2.03 -40.17 -18.07
CA ARG D 28 3.40 -40.66 -18.05
C ARG D 28 4.40 -39.52 -18.01
N GLU D 29 4.48 -38.75 -19.09
CA GLU D 29 5.44 -37.67 -19.27
C GLU D 29 5.63 -36.80 -18.01
N PRO D 30 4.55 -36.42 -17.31
CA PRO D 30 4.76 -35.73 -16.02
C PRO D 30 5.56 -36.56 -15.03
N ILE D 31 5.10 -37.78 -14.75
CA ILE D 31 5.82 -38.66 -13.82
C ILE D 31 7.24 -38.90 -14.30
N LYS D 32 7.42 -38.99 -15.62
CA LYS D 32 8.76 -39.16 -16.17
C LYS D 32 9.63 -37.95 -15.86
N GLY D 33 9.06 -36.75 -15.93
CA GLY D 33 9.82 -35.55 -15.63
C GLY D 33 10.28 -35.50 -14.18
N LEU D 34 9.38 -35.85 -13.25
CA LEU D 34 9.76 -35.93 -11.85
C LEU D 34 10.87 -36.95 -11.66
N PHE D 35 10.77 -38.09 -12.34
CA PHE D 35 11.82 -39.10 -12.29
C PHE D 35 13.15 -38.52 -12.75
N LYS D 36 13.15 -37.86 -13.90
CA LYS D 36 14.39 -37.35 -14.49
C LYS D 36 15.00 -36.27 -13.62
N SER D 37 14.18 -35.33 -13.12
CA SER D 37 14.72 -34.22 -12.34
C SER D 37 15.35 -34.72 -11.05
N ALA D 38 14.71 -35.70 -10.39
CA ALA D 38 15.31 -36.30 -9.21
C ALA D 38 16.67 -36.92 -9.52
N VAL D 39 16.77 -37.59 -10.67
CA VAL D 39 18.06 -38.16 -11.07
C VAL D 39 19.11 -37.07 -11.21
N GLU D 40 18.77 -35.99 -11.91
CA GLU D 40 19.75 -34.92 -12.14
C GLU D 40 20.22 -34.31 -10.82
N GLN D 41 19.31 -34.14 -9.87
CA GLN D 41 19.65 -33.44 -8.62
C GLN D 41 20.63 -34.25 -7.79
N PHE D 42 20.34 -35.53 -7.56
CA PHE D 42 21.25 -36.37 -6.77
C PHE D 42 22.60 -36.52 -7.47
N SER D 43 22.61 -36.72 -8.78
CA SER D 43 23.87 -36.74 -9.52
C SER D 43 24.67 -35.46 -9.28
N SER D 44 24.00 -34.35 -9.03
CA SER D 44 24.65 -33.06 -8.82
C SER D 44 24.62 -32.61 -7.36
N ALA D 45 24.50 -33.54 -6.41
CA ALA D 45 24.34 -33.15 -5.01
C ALA D 45 25.66 -32.69 -4.40
N ARG D 46 26.78 -33.32 -4.78
CA ARG D 46 28.08 -33.02 -4.18
C ARG D 46 28.92 -32.08 -5.02
N ASP D 47 28.36 -31.51 -6.10
CA ASP D 47 29.10 -30.55 -6.92
C ASP D 47 29.42 -29.29 -6.13
N PHE D 48 28.62 -28.98 -5.11
CA PHE D 48 28.95 -27.87 -4.23
C PHE D 48 30.27 -28.08 -3.51
N PHE D 49 30.65 -29.35 -3.30
CA PHE D 49 31.95 -29.63 -2.68
C PHE D 49 33.09 -29.34 -3.63
N LYS D 50 32.86 -29.43 -4.94
CA LYS D 50 33.91 -29.13 -5.90
C LYS D 50 34.16 -27.62 -6.00
N ASN D 51 33.09 -26.83 -5.94
CA ASN D 51 33.20 -25.38 -6.02
C ASN D 51 33.97 -24.82 -4.82
N GLU D 52 35.15 -24.25 -5.07
CA GLU D 52 35.99 -23.77 -3.98
C GLU D 52 35.37 -22.57 -3.27
N ASN D 53 34.60 -21.75 -3.99
CA ASN D 53 34.09 -20.51 -3.42
C ASN D 53 33.17 -20.76 -2.23
N TYR D 54 32.43 -21.86 -2.24
CA TYR D 54 31.54 -22.17 -1.12
C TYR D 54 32.33 -22.75 0.05
N SER D 55 31.89 -22.41 1.26
CA SER D 55 32.48 -23.00 2.45
C SER D 55 32.16 -24.49 2.48
N LYS D 56 33.19 -25.30 2.76
CA LYS D 56 33.00 -26.75 2.80
C LYS D 56 31.90 -27.13 3.78
N GLU D 57 31.79 -26.40 4.89
CA GLU D 57 30.68 -26.63 5.82
C GLU D 57 29.35 -26.25 5.20
N LEU D 58 29.31 -25.10 4.51
CA LEU D 58 28.07 -24.67 3.86
C LEU D 58 27.67 -25.61 2.73
N ALA D 59 28.64 -26.27 2.10
CA ALA D 59 28.32 -27.25 1.06
C ALA D 59 27.56 -28.44 1.64
N GLU D 60 27.95 -28.88 2.85
CA GLU D 60 27.18 -29.88 3.59
C GLU D 60 25.70 -29.55 3.56
N LYS D 61 25.37 -28.27 3.76
CA LYS D 61 23.97 -27.86 3.80
C LYS D 61 23.31 -27.99 2.45
N PHE D 62 24.00 -27.53 1.39
CA PHE D 62 23.45 -27.64 0.04
C PHE D 62 23.21 -29.09 -0.33
N ASN D 63 24.21 -29.94 -0.09
CA ASN D 63 24.07 -31.37 -0.39
C ASN D 63 22.82 -31.94 0.26
N LYS D 64 22.64 -31.70 1.56
CA LYS D 64 21.45 -32.18 2.26
C LYS D 64 20.17 -31.67 1.62
N GLU D 65 20.16 -30.40 1.20
CA GLU D 65 18.98 -29.86 0.54
C GLU D 65 18.73 -30.54 -0.80
N ALA D 66 19.79 -30.80 -1.56
CA ALA D 66 19.64 -31.45 -2.85
C ALA D 66 19.10 -32.87 -2.70
N VAL D 67 19.71 -33.66 -1.81
CA VAL D 67 19.31 -35.05 -1.63
C VAL D 67 17.87 -35.13 -1.13
N ASN D 68 17.54 -34.32 -0.13
CA ASN D 68 16.18 -34.34 0.41
C ASN D 68 15.15 -34.01 -0.66
N GLU D 69 15.43 -32.96 -1.45
CA GLU D 69 14.52 -32.60 -2.53
C GLU D 69 14.48 -33.67 -3.60
N ALA D 70 15.60 -34.38 -3.83
CA ALA D 70 15.62 -35.44 -4.83
C ALA D 70 14.77 -36.63 -4.40
N VAL D 71 15.00 -37.14 -3.18
CA VAL D 71 14.19 -38.27 -2.73
C VAL D 71 12.73 -37.86 -2.64
N GLU D 72 12.46 -36.59 -2.37
CA GLU D 72 11.09 -36.08 -2.42
C GLU D 72 10.54 -36.18 -3.84
N LYS D 73 11.35 -35.81 -4.83
CA LYS D 73 10.90 -35.86 -6.22
C LYS D 73 10.60 -37.29 -6.66
N LEU D 74 11.51 -38.22 -6.37
CA LEU D 74 11.26 -39.61 -6.75
C LEU D 74 10.02 -40.15 -6.05
N GLN D 75 9.87 -39.82 -4.76
CA GLN D 75 8.71 -40.33 -4.02
C GLN D 75 7.41 -39.93 -4.70
N LYS D 76 7.26 -38.65 -5.04
CA LYS D 76 6.05 -38.21 -5.73
C LYS D 76 5.89 -38.92 -7.06
N ALA D 77 6.99 -39.10 -7.80
CA ALA D 77 6.92 -39.87 -9.04
C ALA D 77 6.47 -41.29 -8.80
N ILE D 78 7.08 -41.97 -7.82
CA ILE D 78 6.73 -43.35 -7.53
C ILE D 78 5.29 -43.45 -7.04
N ASP D 79 4.88 -42.53 -6.16
CA ASP D 79 3.54 -42.60 -5.58
C ASP D 79 2.47 -42.29 -6.62
N LEU D 80 2.69 -41.23 -7.41
CA LEU D 80 1.74 -40.91 -8.48
C LEU D 80 1.57 -42.07 -9.45
N ALA D 81 2.65 -42.76 -9.78
CA ALA D 81 2.56 -43.89 -10.70
C ALA D 81 1.86 -45.07 -10.06
N GLU D 82 2.24 -45.41 -8.82
CA GLU D 82 1.57 -46.50 -8.13
C GLU D 82 0.07 -46.26 -8.02
N LYS D 83 -0.32 -45.01 -7.75
CA LYS D 83 -1.74 -44.67 -7.76
C LYS D 83 -2.35 -44.92 -9.13
N GLN D 84 -1.58 -44.77 -10.20
CA GLN D 84 -2.05 -45.13 -11.53
C GLN D 84 -1.88 -46.62 -11.83
N GLY D 85 -1.49 -47.41 -10.83
CA GLY D 85 -1.51 -48.86 -10.94
C GLY D 85 -0.20 -49.52 -11.29
N ILE D 86 0.94 -48.87 -11.04
CA ILE D 86 2.23 -49.35 -11.52
C ILE D 86 3.02 -49.88 -10.33
N GLN D 87 3.41 -51.15 -10.40
CA GLN D 87 4.18 -51.79 -9.36
C GLN D 87 5.68 -51.55 -9.58
N PHE D 88 6.44 -51.68 -8.50
CA PHE D 88 7.87 -51.45 -8.55
C PHE D 88 8.62 -52.53 -7.76
#